data_2V25
#
_entry.id   2V25
#
_cell.length_a   53.272
_cell.length_b   75.868
_cell.length_c   61.708
_cell.angle_alpha   90.00
_cell.angle_beta   103.31
_cell.angle_gamma   90.00
#
_symmetry.space_group_name_H-M   'P 1 21 1'
#
loop_
_entity.id
_entity.type
_entity.pdbx_description
1 polymer 'MAJOR CELL-BINDING FACTOR'
2 non-polymer 'ASPARTIC ACID'
3 non-polymer 'ZINC ION'
4 water water
#
_entity_poly.entity_id   1
_entity_poly.type   'polypeptide(L)'
_entity_poly.pdbx_seq_one_letter_code
;MVFRKSLLKLAVFALGACVAFSNANAAEGKLESIKSKGQLIVGVKNDVPHYALLDQATGEIKGFEVDVAKLLAKSILGDD
KKIKLVAVNAKTRGPLLDNGSVDAVIATFTITPERKRIYNFSEPYYQDAIGLLVLKEKKYKSLADMKGANIGVAQAATTK
KAIGEAAKKIGIDVKFSEFPDYPSIKAALDAKRVDAFSVDKSILLGYVDDKSEILPDSFEPQSYGIVTKKDDPAFAKYVD
DFVKEHKNEIDALAKKWGL
;
_entity_poly.pdbx_strand_id   A,B
#
# COMPACT_ATOMS: atom_id res chain seq x y z
N GLY A 29 -6.00 14.18 -25.78
CA GLY A 29 -6.46 13.84 -24.39
C GLY A 29 -6.27 12.35 -24.25
N LYS A 30 -7.16 11.64 -23.58
CA LYS A 30 -6.82 10.99 -22.33
C LYS A 30 -6.44 9.59 -22.88
N LEU A 31 -7.19 9.13 -23.87
CA LEU A 31 -6.87 7.86 -24.53
C LEU A 31 -5.49 7.93 -25.16
N GLU A 32 -5.16 9.09 -25.71
CA GLU A 32 -3.85 9.30 -26.30
C GLU A 32 -2.73 9.26 -25.27
N SER A 33 -2.93 9.90 -24.12
CA SER A 33 -1.91 9.86 -23.06
C SER A 33 -1.71 8.45 -22.50
N ILE A 34 -2.79 7.68 -22.39
CA ILE A 34 -2.68 6.30 -21.93
C ILE A 34 -1.80 5.49 -22.90
N LYS A 35 -2.08 5.61 -24.19
CA LYS A 35 -1.25 4.96 -25.20
C LYS A 35 0.23 5.40 -25.13
N SER A 36 0.45 6.71 -24.95
N SER A 36 0.45 6.71 -24.96
CA SER A 36 1.80 7.27 -24.86
CA SER A 36 1.80 7.26 -24.87
C SER A 36 2.59 6.73 -23.66
C SER A 36 2.60 6.75 -23.66
N LYS A 37 1.94 6.66 -22.51
CA LYS A 37 2.54 6.08 -21.30
C LYS A 37 2.75 4.58 -21.44
N GLY A 38 1.90 3.94 -22.24
CA GLY A 38 1.90 2.48 -22.39
C GLY A 38 1.33 1.77 -21.19
N GLN A 39 0.44 2.43 -20.45
CA GLN A 39 -0.05 1.91 -19.20
C GLN A 39 -1.35 2.61 -18.80
N LEU A 40 -2.33 1.83 -18.34
CA LEU A 40 -3.55 2.37 -17.74
C LEU A 40 -3.38 2.35 -16.24
N ILE A 41 -3.58 3.48 -15.58
CA ILE A 41 -3.47 3.54 -14.12
C ILE A 41 -4.88 3.57 -13.56
N VAL A 42 -5.21 2.60 -12.73
CA VAL A 42 -6.54 2.49 -12.16
C VAL A 42 -6.48 2.51 -10.63
N GLY A 43 -7.32 3.32 -10.03
CA GLY A 43 -7.47 3.34 -8.57
C GLY A 43 -8.44 2.25 -8.15
N VAL A 44 -8.03 1.44 -7.19
CA VAL A 44 -8.82 0.31 -6.72
C VAL A 44 -8.73 0.30 -5.19
N LYS A 45 -9.70 -0.33 -4.55
CA LYS A 45 -9.60 -0.58 -3.12
C LYS A 45 -8.56 -1.67 -2.86
N ASN A 46 -8.21 -1.86 -1.60
CA ASN A 46 -7.30 -2.95 -1.25
C ASN A 46 -7.79 -3.83 -0.11
N ASP A 47 -9.05 -3.64 0.29
CA ASP A 47 -9.60 -4.27 1.49
C ASP A 47 -10.94 -4.98 1.29
N VAL A 48 -11.37 -5.15 0.04
CA VAL A 48 -12.71 -5.67 -0.23
C VAL A 48 -12.66 -7.08 -0.82
N PRO A 49 -12.96 -8.10 0.00
CA PRO A 49 -12.85 -9.47 -0.47
C PRO A 49 -13.70 -9.69 -1.69
N HIS A 50 -13.14 -10.42 -2.66
CA HIS A 50 -13.77 -10.74 -3.95
C HIS A 50 -13.81 -9.60 -4.96
N TYR A 51 -13.61 -8.35 -4.52
CA TYR A 51 -13.61 -7.21 -5.44
C TYR A 51 -12.20 -6.69 -5.69
N ALA A 52 -11.47 -6.45 -4.60
CA ALA A 52 -10.13 -5.88 -4.67
C ALA A 52 -9.52 -5.98 -3.30
N LEU A 53 -8.79 -7.06 -3.07
CA LEU A 53 -8.21 -7.37 -1.76
C LEU A 53 -6.74 -7.68 -1.93
N LEU A 54 -5.90 -6.98 -1.19
CA LEU A 54 -4.47 -7.26 -1.20
C LEU A 54 -4.17 -8.65 -0.65
N ASP A 55 -3.53 -9.46 -1.48
CA ASP A 55 -2.98 -10.73 -1.07
C ASP A 55 -1.58 -10.44 -0.59
N GLN A 56 -1.39 -10.37 0.71
CA GLN A 56 -0.12 -9.92 1.24
C GLN A 56 1.03 -10.88 0.95
N ALA A 57 0.72 -12.15 0.70
CA ALA A 57 1.77 -13.12 0.39
C ALA A 57 2.41 -12.86 -0.96
N THR A 58 1.70 -12.16 -1.84
CA THR A 58 2.21 -11.89 -3.19
C THR A 58 2.30 -10.39 -3.50
N GLY A 59 1.83 -9.53 -2.60
CA GLY A 59 1.92 -8.08 -2.80
C GLY A 59 1.04 -7.57 -3.91
N GLU A 60 -0.01 -8.32 -4.23
CA GLU A 60 -0.90 -8.01 -5.36
C GLU A 60 -2.35 -7.91 -4.90
N ILE A 61 -3.03 -6.87 -5.36
CA ILE A 61 -4.46 -6.70 -5.15
C ILE A 61 -5.19 -7.58 -6.16
N LYS A 62 -6.16 -8.36 -5.68
CA LYS A 62 -6.85 -9.34 -6.50
C LYS A 62 -8.34 -9.26 -6.29
N GLY A 63 -9.10 -9.44 -7.35
CA GLY A 63 -10.55 -9.49 -7.25
C GLY A 63 -11.24 -9.08 -8.54
N PHE A 64 -12.56 -9.11 -8.48
CA PHE A 64 -13.42 -8.79 -9.61
C PHE A 64 -13.10 -7.43 -10.22
N GLU A 65 -12.98 -6.42 -9.39
CA GLU A 65 -12.74 -5.06 -9.89
C GLU A 65 -11.40 -4.96 -10.57
N VAL A 66 -10.41 -5.68 -10.06
CA VAL A 66 -9.10 -5.71 -10.67
C VAL A 66 -9.19 -6.39 -12.03
N ASP A 67 -9.96 -7.48 -12.11
CA ASP A 67 -10.15 -8.18 -13.38
C ASP A 67 -10.88 -7.31 -14.42
N VAL A 68 -11.82 -6.49 -13.98
CA VAL A 68 -12.51 -5.55 -14.89
C VAL A 68 -11.50 -4.50 -15.38
N ALA A 69 -10.70 -3.99 -14.46
CA ALA A 69 -9.64 -3.04 -14.80
C ALA A 69 -8.70 -3.62 -15.84
N LYS A 70 -8.33 -4.89 -15.68
CA LYS A 70 -7.42 -5.54 -16.64
C LYS A 70 -8.08 -5.69 -18.00
N LEU A 71 -9.38 -5.95 -18.02
CA LEU A 71 -10.12 -6.07 -19.29
C LEU A 71 -10.15 -4.72 -20.01
N LEU A 72 -10.25 -3.64 -19.25
CA LEU A 72 -10.26 -2.30 -19.84
C LEU A 72 -8.87 -1.97 -20.41
N ALA A 73 -7.82 -2.30 -19.67
CA ALA A 73 -6.45 -2.13 -20.14
C ALA A 73 -6.23 -2.90 -21.43
N LYS A 74 -6.72 -4.15 -21.48
CA LYS A 74 -6.60 -4.96 -22.69
C LYS A 74 -7.35 -4.30 -23.85
N SER A 75 -8.52 -3.73 -23.55
CA SER A 75 -9.30 -3.06 -24.59
C SER A 75 -8.53 -1.89 -25.19
N ILE A 76 -7.92 -1.07 -24.33
CA ILE A 76 -7.23 0.15 -24.77
C ILE A 76 -5.83 -0.13 -25.34
N LEU A 77 -5.06 -0.97 -24.65
CA LEU A 77 -3.63 -1.18 -24.95
C LEU A 77 -3.28 -2.53 -25.57
N GLY A 78 -4.27 -3.41 -25.70
CA GLY A 78 -4.05 -4.74 -26.30
C GLY A 78 -3.37 -5.75 -25.39
N ASP A 79 -3.15 -5.40 -24.12
CA ASP A 79 -2.49 -6.29 -23.18
C ASP A 79 -2.93 -6.01 -21.76
N ASP A 80 -3.47 -7.03 -21.08
CA ASP A 80 -3.98 -6.87 -19.71
C ASP A 80 -2.91 -6.62 -18.67
N LYS A 81 -1.65 -6.86 -19.02
CA LYS A 81 -0.53 -6.59 -18.12
C LYS A 81 -0.14 -5.11 -18.10
N LYS A 82 -0.65 -4.32 -19.06
CA LYS A 82 -0.28 -2.91 -19.19
C LYS A 82 -1.18 -2.06 -18.30
N ILE A 83 -1.15 -2.37 -17.02
CA ILE A 83 -1.97 -1.71 -16.02
C ILE A 83 -1.13 -1.47 -14.76
N LYS A 84 -1.43 -0.38 -14.07
CA LYS A 84 -0.87 -0.14 -12.74
C LYS A 84 -2.02 0.12 -11.81
N LEU A 85 -2.04 -0.57 -10.68
CA LEU A 85 -3.08 -0.39 -9.68
C LEU A 85 -2.56 0.53 -8.58
N VAL A 86 -3.38 1.49 -8.20
CA VAL A 86 -3.10 2.41 -7.11
C VAL A 86 -4.20 2.26 -6.07
N ALA A 87 -3.83 1.93 -4.84
CA ALA A 87 -4.82 1.76 -3.78
C ALA A 87 -5.42 3.10 -3.42
N VAL A 88 -6.74 3.15 -3.35
CA VAL A 88 -7.47 4.36 -2.97
C VAL A 88 -8.56 4.01 -1.96
N ASN A 89 -9.06 5.02 -1.28
CA ASN A 89 -10.25 4.84 -0.47
C ASN A 89 -11.26 5.92 -0.81
N ALA A 90 -12.36 6.02 -0.07
CA ALA A 90 -13.43 6.95 -0.43
C ALA A 90 -12.92 8.40 -0.38
N LYS A 91 -11.97 8.68 0.51
CA LYS A 91 -11.43 10.03 0.67
C LYS A 91 -10.37 10.37 -0.38
N THR A 92 -9.54 9.41 -0.76
CA THR A 92 -8.39 9.70 -1.60
C THR A 92 -8.67 9.51 -3.09
N ARG A 93 -9.72 8.78 -3.45
CA ARG A 93 -9.92 8.45 -4.85
C ARG A 93 -10.25 9.68 -5.69
N GLY A 94 -11.06 10.60 -5.15
CA GLY A 94 -11.41 11.82 -5.86
C GLY A 94 -10.19 12.65 -6.20
N PRO A 95 -9.42 13.05 -5.17
CA PRO A 95 -8.21 13.84 -5.43
C PRO A 95 -7.23 13.25 -6.42
N LEU A 96 -7.09 11.92 -6.42
CA LEU A 96 -6.17 11.26 -7.36
C LEU A 96 -6.71 11.31 -8.79
N LEU A 97 -8.02 11.24 -8.94
CA LEU A 97 -8.65 11.46 -10.24
C LEU A 97 -8.49 12.93 -10.64
N ASP A 98 -8.73 13.84 -9.70
CA ASP A 98 -8.70 15.29 -9.97
C ASP A 98 -7.34 15.73 -10.49
N ASN A 99 -6.26 15.22 -9.91
CA ASN A 99 -4.94 15.66 -10.32
C ASN A 99 -4.28 14.80 -11.39
N GLY A 100 -5.04 13.84 -11.93
CA GLY A 100 -4.56 12.98 -13.01
C GLY A 100 -3.59 11.88 -12.64
N SER A 101 -3.51 11.55 -11.37
N SER A 101 -3.46 11.55 -11.35
CA SER A 101 -2.59 10.52 -10.90
CA SER A 101 -2.60 10.44 -10.93
C SER A 101 -3.12 9.09 -11.16
C SER A 101 -3.11 9.10 -11.38
N VAL A 102 -4.43 8.97 -11.38
CA VAL A 102 -5.05 7.76 -11.92
C VAL A 102 -5.90 8.16 -13.13
N ASP A 103 -6.07 7.25 -14.07
CA ASP A 103 -6.87 7.50 -15.27
C ASP A 103 -8.35 7.16 -15.05
N ALA A 104 -8.61 6.15 -14.24
CA ALA A 104 -9.95 5.72 -13.91
C ALA A 104 -9.95 5.18 -12.50
N VAL A 105 -11.11 5.17 -11.89
CA VAL A 105 -11.30 4.53 -10.59
C VAL A 105 -12.37 3.45 -10.71
N ILE A 106 -12.00 2.24 -10.28
CA ILE A 106 -12.91 1.11 -10.20
C ILE A 106 -12.74 0.64 -8.77
N ALA A 107 -13.52 1.26 -7.88
CA ALA A 107 -13.29 1.14 -6.43
C ALA A 107 -14.58 1.34 -5.67
N THR A 108 -15.52 0.44 -5.85
CA THR A 108 -16.85 0.51 -5.24
C THR A 108 -17.43 1.94 -5.21
N PHE A 109 -17.34 2.63 -6.33
CA PHE A 109 -17.63 4.07 -6.36
C PHE A 109 -19.12 4.23 -6.72
N THR A 110 -19.93 4.51 -5.71
CA THR A 110 -21.37 4.55 -5.88
C THR A 110 -21.77 5.72 -6.77
N ILE A 111 -22.61 5.42 -7.76
CA ILE A 111 -23.17 6.44 -8.65
C ILE A 111 -24.26 7.18 -7.91
N THR A 112 -24.16 8.50 -7.86
CA THR A 112 -25.23 9.35 -7.33
C THR A 112 -25.35 10.58 -8.22
N PRO A 113 -26.54 11.21 -8.27
CA PRO A 113 -26.70 12.44 -9.05
C PRO A 113 -25.72 13.53 -8.68
N GLU A 114 -25.46 13.70 -7.39
CA GLU A 114 -24.50 14.70 -6.91
C GLU A 114 -23.09 14.42 -7.45
N ARG A 115 -22.69 13.16 -7.45
CA ARG A 115 -21.35 12.80 -7.88
C ARG A 115 -21.21 12.88 -9.40
N LYS A 116 -22.30 12.62 -10.12
CA LYS A 116 -22.28 12.72 -11.58
C LYS A 116 -22.04 14.15 -12.07
N ARG A 117 -22.26 15.14 -11.21
CA ARG A 117 -21.95 16.53 -11.55
CA ARG A 117 -21.95 16.53 -11.54
C ARG A 117 -20.45 16.80 -11.46
N ILE A 118 -19.73 15.97 -10.71
CA ILE A 118 -18.31 16.15 -10.50
C ILE A 118 -17.46 15.24 -11.40
N TYR A 119 -17.89 13.99 -11.55
CA TYR A 119 -17.13 12.97 -12.31
C TYR A 119 -18.01 12.31 -13.34
N ASN A 120 -17.40 11.73 -14.36
CA ASN A 120 -18.12 10.83 -15.24
C ASN A 120 -18.17 9.43 -14.65
N PHE A 121 -19.33 8.81 -14.73
CA PHE A 121 -19.54 7.43 -14.30
C PHE A 121 -20.07 6.61 -15.45
N SER A 122 -19.51 5.43 -15.67
CA SER A 122 -20.08 4.47 -16.61
C SER A 122 -21.42 4.01 -16.10
N GLU A 123 -22.15 3.30 -16.96
CA GLU A 123 -23.30 2.56 -16.46
C GLU A 123 -22.78 1.55 -15.43
N PRO A 124 -23.66 1.12 -14.51
CA PRO A 124 -23.18 0.25 -13.44
C PRO A 124 -22.63 -1.09 -13.93
N TYR A 125 -21.55 -1.56 -13.30
CA TYR A 125 -21.02 -2.91 -13.57
C TYR A 125 -21.38 -3.90 -12.46
N TYR A 126 -21.81 -3.40 -11.30
CA TYR A 126 -22.28 -4.24 -10.22
C TYR A 126 -23.04 -3.40 -9.20
N GLN A 127 -23.71 -4.07 -8.26
CA GLN A 127 -24.51 -3.41 -7.25
C GLN A 127 -24.40 -4.15 -5.91
N ASP A 128 -24.41 -3.40 -4.82
CA ASP A 128 -24.39 -4.00 -3.50
C ASP A 128 -25.39 -3.21 -2.67
N ALA A 129 -25.37 -3.35 -1.36
CA ALA A 129 -26.29 -2.63 -0.51
C ALA A 129 -25.58 -2.31 0.79
N ILE A 130 -26.03 -1.26 1.45
CA ILE A 130 -25.46 -0.84 2.73
C ILE A 130 -25.92 -1.76 3.84
N GLY A 131 -24.99 -2.05 4.76
CA GLY A 131 -25.30 -2.85 5.93
C GLY A 131 -24.77 -2.24 7.20
N LEU A 132 -24.96 -2.97 8.29
CA LEU A 132 -24.49 -2.57 9.61
C LEU A 132 -23.66 -3.70 10.21
N LEU A 133 -22.45 -3.37 10.68
CA LEU A 133 -21.58 -4.29 11.39
C LEU A 133 -21.56 -3.86 12.85
N VAL A 134 -21.87 -4.81 13.73
CA VAL A 134 -22.04 -4.49 15.14
C VAL A 134 -21.38 -5.60 15.95
N LEU A 135 -21.01 -5.30 17.18
CA LEU A 135 -20.52 -6.34 18.09
C LEU A 135 -21.67 -7.25 18.46
N LYS A 136 -21.39 -8.55 18.52
CA LYS A 136 -22.40 -9.53 18.88
C LYS A 136 -22.97 -9.23 20.27
N GLU A 137 -22.14 -8.69 21.17
CA GLU A 137 -22.57 -8.46 22.56
C GLU A 137 -23.67 -7.40 22.73
N LYS A 138 -23.88 -6.54 21.73
CA LYS A 138 -24.96 -5.55 21.78
C LYS A 138 -26.34 -6.18 21.70
N LYS A 139 -26.41 -7.37 21.11
CA LYS A 139 -27.64 -8.13 20.91
C LYS A 139 -28.67 -7.35 20.12
N TYR A 140 -28.19 -6.53 19.18
CA TYR A 140 -29.06 -5.87 18.22
C TYR A 140 -29.59 -6.91 17.23
N LYS A 141 -30.88 -6.88 16.96
CA LYS A 141 -31.47 -7.80 15.98
C LYS A 141 -31.72 -7.13 14.63
N SER A 142 -31.96 -5.81 14.65
CA SER A 142 -32.21 -5.01 13.46
C SER A 142 -31.97 -3.55 13.80
N LEU A 143 -32.06 -2.68 12.79
CA LEU A 143 -31.91 -1.25 13.04
C LEU A 143 -32.91 -0.71 14.06
N ALA A 144 -34.07 -1.35 14.16
CA ALA A 144 -35.12 -0.91 15.08
C ALA A 144 -34.70 -0.96 16.55
N ASP A 145 -33.64 -1.72 16.85
CA ASP A 145 -33.13 -1.87 18.21
C ASP A 145 -32.04 -0.85 18.54
N MET A 146 -31.74 0.02 17.59
CA MET A 146 -30.55 0.85 17.67
C MET A 146 -30.82 2.32 17.94
N LYS A 147 -31.94 2.64 18.60
CA LYS A 147 -32.18 4.04 18.98
C LYS A 147 -31.01 4.57 19.79
N GLY A 148 -30.54 5.76 19.43
CA GLY A 148 -29.42 6.40 20.13
C GLY A 148 -28.04 5.92 19.76
N ALA A 149 -27.94 4.95 18.86
CA ALA A 149 -26.67 4.40 18.47
C ALA A 149 -25.81 5.43 17.78
N ASN A 150 -24.52 5.39 18.09
CA ASN A 150 -23.49 6.16 17.42
C ASN A 150 -22.94 5.28 16.29
N ILE A 151 -23.22 5.66 15.05
N ILE A 151 -23.22 5.67 15.06
CA ILE A 151 -22.84 4.85 13.90
CA ILE A 151 -22.86 4.91 13.87
C ILE A 151 -21.62 5.45 13.21
C ILE A 151 -21.59 5.50 13.27
N GLY A 152 -20.57 4.65 13.08
CA GLY A 152 -19.34 5.06 12.43
C GLY A 152 -19.47 4.91 10.94
N VAL A 153 -19.12 5.98 10.23
CA VAL A 153 -19.15 6.00 8.78
C VAL A 153 -17.87 6.68 8.27
N ALA A 154 -17.54 6.44 7.00
CA ALA A 154 -16.39 7.04 6.36
C ALA A 154 -16.70 8.43 5.83
N GLN A 155 -15.73 9.33 6.01
CA GLN A 155 -15.67 10.58 5.28
C GLN A 155 -15.72 10.33 3.79
N ALA A 156 -16.54 11.10 3.11
CA ALA A 156 -16.64 11.04 1.66
C ALA A 156 -17.52 9.89 1.15
N ALA A 157 -18.03 9.04 2.04
CA ALA A 157 -18.90 7.93 1.62
C ALA A 157 -20.38 8.33 1.59
N THR A 158 -21.19 7.56 0.85
CA THR A 158 -22.63 7.76 0.77
C THR A 158 -23.42 7.36 2.02
N THR A 159 -22.73 6.79 2.99
CA THR A 159 -23.40 6.02 4.00
C THR A 159 -24.25 6.84 4.96
N LYS A 160 -23.72 7.95 5.43
CA LYS A 160 -24.43 8.75 6.42
C LYS A 160 -25.82 9.16 5.93
N LYS A 161 -25.89 9.65 4.69
CA LYS A 161 -27.18 10.05 4.14
C LYS A 161 -28.15 8.88 4.07
N ALA A 162 -27.65 7.72 3.64
CA ALA A 162 -28.52 6.55 3.45
C ALA A 162 -29.02 5.97 4.77
N ILE A 163 -28.15 5.87 5.76
CA ILE A 163 -28.56 5.30 7.05
C ILE A 163 -29.43 6.25 7.82
N GLY A 164 -29.16 7.54 7.70
CA GLY A 164 -30.00 8.56 8.30
C GLY A 164 -31.43 8.38 7.82
N GLU A 165 -31.60 8.21 6.52
CA GLU A 165 -32.93 8.06 5.95
C GLU A 165 -33.57 6.74 6.35
N ALA A 166 -32.79 5.67 6.38
CA ALA A 166 -33.30 4.36 6.83
C ALA A 166 -33.84 4.46 8.24
N ALA A 167 -33.07 5.15 9.08
CA ALA A 167 -33.44 5.34 10.48
C ALA A 167 -34.69 6.19 10.60
N LYS A 168 -34.77 7.27 9.81
CA LYS A 168 -35.96 8.12 9.84
C LYS A 168 -37.23 7.38 9.43
N LYS A 169 -37.11 6.47 8.47
CA LYS A 169 -38.25 5.70 7.97
C LYS A 169 -38.82 4.70 8.95
N ILE A 170 -38.05 4.34 9.99
CA ILE A 170 -38.56 3.47 11.05
C ILE A 170 -38.67 4.22 12.38
N GLY A 171 -38.47 5.53 12.37
CA GLY A 171 -38.77 6.36 13.52
C GLY A 171 -37.78 6.28 14.65
N ILE A 172 -36.51 6.10 14.33
CA ILE A 172 -35.49 6.16 15.38
C ILE A 172 -34.45 7.21 15.06
N ASP A 173 -33.84 7.71 16.13
CA ASP A 173 -32.80 8.71 16.06
C ASP A 173 -31.48 7.99 16.22
N VAL A 174 -30.53 8.30 15.36
CA VAL A 174 -29.18 7.82 15.51
C VAL A 174 -28.24 8.99 15.38
N LYS A 175 -27.00 8.82 15.84
CA LYS A 175 -25.96 9.83 15.62
C LYS A 175 -24.81 9.22 14.84
N PHE A 176 -23.98 10.07 14.28
CA PHE A 176 -22.90 9.62 13.44
C PHE A 176 -21.54 10.11 13.90
N SER A 177 -20.53 9.29 13.69
CA SER A 177 -19.14 9.67 13.86
C SER A 177 -18.43 9.39 12.54
N GLU A 178 -17.76 10.39 12.00
CA GLU A 178 -17.09 10.25 10.70
C GLU A 178 -15.60 9.98 10.86
N PHE A 179 -15.07 9.11 9.99
CA PHE A 179 -13.68 8.64 10.05
C PHE A 179 -13.00 8.73 8.69
N PRO A 180 -11.67 8.87 8.67
CA PRO A 180 -10.97 9.05 7.39
C PRO A 180 -10.78 7.78 6.58
N ASP A 181 -10.92 6.62 7.21
CA ASP A 181 -10.70 5.33 6.54
C ASP A 181 -11.41 4.22 7.30
N TYR A 182 -11.51 3.04 6.67
CA TYR A 182 -12.28 1.95 7.25
C TYR A 182 -11.60 1.28 8.44
N PRO A 183 -10.27 1.04 8.37
CA PRO A 183 -9.65 0.42 9.56
C PRO A 183 -9.91 1.18 10.84
N SER A 184 -9.95 2.51 10.77
N SER A 184 -9.97 2.51 10.76
CA SER A 184 -10.21 3.31 11.98
CA SER A 184 -10.22 3.34 11.93
C SER A 184 -11.62 3.10 12.52
C SER A 184 -11.62 3.16 12.50
N ILE A 185 -12.58 2.82 11.65
CA ILE A 185 -13.95 2.57 12.12
C ILE A 185 -13.99 1.22 12.82
N LYS A 186 -13.33 0.22 12.25
CA LYS A 186 -13.31 -1.09 12.88
C LYS A 186 -12.63 -0.99 14.25
N ALA A 187 -11.56 -0.23 14.34
CA ALA A 187 -10.89 -0.05 15.64
C ALA A 187 -11.83 0.64 16.65
N ALA A 188 -12.58 1.62 16.18
CA ALA A 188 -13.57 2.33 17.00
C ALA A 188 -14.66 1.37 17.48
N LEU A 189 -15.10 0.47 16.60
CA LEU A 189 -16.11 -0.51 16.97
C LEU A 189 -15.61 -1.43 18.06
N ASP A 190 -14.39 -1.95 17.89
CA ASP A 190 -13.80 -2.85 18.86
C ASP A 190 -13.59 -2.17 20.21
N ALA A 191 -13.24 -0.89 20.19
CA ALA A 191 -13.06 -0.09 21.43
C ALA A 191 -14.38 0.44 22.01
N LYS A 192 -15.49 0.21 21.32
CA LYS A 192 -16.81 0.66 21.73
C LYS A 192 -16.96 2.18 21.70
N ARG A 193 -16.14 2.84 20.86
CA ARG A 193 -16.26 4.27 20.62
C ARG A 193 -17.40 4.58 19.67
N VAL A 194 -17.77 3.60 18.85
CA VAL A 194 -19.02 3.62 18.11
C VAL A 194 -19.79 2.32 18.36
N ASP A 195 -21.09 2.35 18.12
CA ASP A 195 -21.97 1.20 18.36
C ASP A 195 -22.18 0.35 17.10
N ALA A 196 -21.86 0.93 15.95
CA ALA A 196 -21.96 0.21 14.68
C ALA A 196 -21.02 0.82 13.68
N PHE A 197 -20.66 0.02 12.69
CA PHE A 197 -19.84 0.46 11.55
C PHE A 197 -20.73 0.20 10.35
N SER A 198 -21.12 1.26 9.65
CA SER A 198 -21.99 1.11 8.50
C SER A 198 -21.25 1.49 7.22
N VAL A 199 -21.42 0.64 6.20
CA VAL A 199 -21.01 0.89 4.82
C VAL A 199 -21.54 -0.26 3.96
N ASP A 200 -21.28 -0.23 2.67
CA ASP A 200 -21.64 -1.31 1.77
C ASP A 200 -21.27 -2.66 2.37
N LYS A 201 -22.15 -3.65 2.26
CA LYS A 201 -21.84 -4.98 2.82
C LYS A 201 -20.58 -5.59 2.21
N SER A 202 -20.32 -5.27 0.95
CA SER A 202 -19.14 -5.77 0.26
C SER A 202 -17.88 -5.41 1.05
N ILE A 203 -17.87 -4.20 1.59
CA ILE A 203 -16.76 -3.68 2.34
C ILE A 203 -16.80 -4.22 3.77
N LEU A 204 -17.99 -4.30 4.36
CA LEU A 204 -18.06 -4.83 5.73
C LEU A 204 -17.54 -6.26 5.80
N LEU A 205 -17.68 -7.04 4.73
CA LEU A 205 -17.16 -8.40 4.71
C LEU A 205 -15.62 -8.42 4.88
N GLY A 206 -14.97 -7.29 4.60
CA GLY A 206 -13.53 -7.14 4.77
C GLY A 206 -13.12 -6.83 6.21
N TYR A 207 -14.11 -6.65 7.09
CA TYR A 207 -13.86 -6.23 8.48
C TYR A 207 -14.55 -7.09 9.55
N VAL A 208 -15.58 -7.83 9.18
CA VAL A 208 -16.30 -8.66 10.15
C VAL A 208 -15.35 -9.72 10.71
N ASP A 209 -15.54 -10.06 11.98
CA ASP A 209 -14.73 -11.07 12.66
C ASP A 209 -15.58 -11.80 13.69
N ASP A 210 -14.98 -12.70 14.47
CA ASP A 210 -15.76 -13.54 15.37
C ASP A 210 -16.56 -12.80 16.44
N LYS A 211 -16.13 -11.60 16.83
CA LYS A 211 -16.81 -10.81 17.87
C LYS A 211 -17.91 -9.91 17.30
N SER A 212 -18.00 -9.85 15.97
CA SER A 212 -18.95 -8.96 15.32
C SER A 212 -19.82 -9.69 14.31
N GLU A 213 -20.83 -9.00 13.82
CA GLU A 213 -21.78 -9.60 12.90
C GLU A 213 -22.35 -8.53 12.00
N ILE A 214 -22.62 -8.90 10.76
CA ILE A 214 -23.34 -8.02 9.85
C ILE A 214 -24.82 -8.34 9.98
N LEU A 215 -25.64 -7.33 10.29
CA LEU A 215 -27.06 -7.58 10.49
C LEU A 215 -27.69 -8.00 9.17
N PRO A 216 -28.79 -8.78 9.24
CA PRO A 216 -29.44 -9.16 7.98
C PRO A 216 -30.00 -7.97 7.17
N ASP A 217 -30.32 -6.87 7.85
CA ASP A 217 -30.93 -5.68 7.25
C ASP A 217 -30.11 -5.22 6.06
N SER A 218 -30.79 -4.88 4.97
N SER A 218 -30.81 -4.76 5.02
CA SER A 218 -30.12 -4.27 3.81
CA SER A 218 -30.17 -4.30 3.80
C SER A 218 -30.75 -2.93 3.56
C SER A 218 -30.77 -2.95 3.43
N PHE A 219 -29.92 -1.95 3.20
CA PHE A 219 -30.40 -0.59 3.01
C PHE A 219 -30.07 -0.16 1.59
N GLU A 220 -30.14 1.14 1.30
CA GLU A 220 -29.97 1.67 -0.05
C GLU A 220 -28.98 0.91 -0.92
N PRO A 221 -29.48 0.28 -2.00
CA PRO A 221 -28.59 -0.32 -3.00
C PRO A 221 -27.56 0.68 -3.53
N GLN A 222 -26.34 0.21 -3.71
CA GLN A 222 -25.23 1.01 -4.19
C GLN A 222 -24.82 0.47 -5.54
N SER A 223 -25.03 1.25 -6.59
N SER A 223 -25.04 1.26 -6.59
N SER A 223 -24.99 1.29 -6.57
CA SER A 223 -24.62 0.87 -7.95
CA SER A 223 -24.63 0.89 -7.96
CA SER A 223 -24.65 0.95 -7.95
C SER A 223 -23.25 1.45 -8.25
C SER A 223 -23.25 1.45 -8.24
C SER A 223 -23.24 1.47 -8.23
N TYR A 224 -22.34 0.59 -8.67
CA TYR A 224 -20.93 0.97 -8.88
C TYR A 224 -20.65 1.21 -10.35
N GLY A 225 -19.94 2.30 -10.65
CA GLY A 225 -19.54 2.65 -12.01
C GLY A 225 -18.04 2.89 -12.10
N ILE A 226 -17.53 2.82 -13.32
CA ILE A 226 -16.15 3.18 -13.58
C ILE A 226 -16.10 4.69 -13.73
N VAL A 227 -15.21 5.33 -12.98
CA VAL A 227 -15.23 6.79 -12.82
C VAL A 227 -14.00 7.40 -13.48
N THR A 228 -14.23 8.48 -14.24
CA THR A 228 -13.18 9.21 -14.95
C THR A 228 -13.38 10.70 -14.72
N LYS A 229 -12.32 11.47 -14.90
CA LYS A 229 -12.36 12.90 -14.67
C LYS A 229 -13.21 13.54 -15.77
N LYS A 230 -13.95 14.59 -15.41
CA LYS A 230 -14.91 15.20 -16.34
C LYS A 230 -14.26 16.01 -17.48
N ASP A 231 -12.95 16.16 -17.40
CA ASP A 231 -12.07 16.58 -18.50
C ASP A 231 -12.42 16.17 -19.93
N ASP A 232 -12.81 14.90 -20.11
CA ASP A 232 -12.59 14.20 -21.38
C ASP A 232 -13.80 13.36 -21.81
N PRO A 233 -14.69 13.97 -22.62
CA PRO A 233 -15.84 13.28 -23.16
C PRO A 233 -15.53 11.99 -23.93
N ALA A 234 -14.46 11.99 -24.74
CA ALA A 234 -14.10 10.81 -25.52
C ALA A 234 -13.78 9.62 -24.64
N PHE A 235 -13.04 9.85 -23.55
CA PHE A 235 -12.70 8.76 -22.66
C PHE A 235 -13.94 8.28 -21.91
N ALA A 236 -14.80 9.19 -21.50
CA ALA A 236 -16.06 8.82 -20.84
C ALA A 236 -16.89 7.92 -21.74
N LYS A 237 -16.98 8.28 -23.03
CA LYS A 237 -17.73 7.48 -23.98
C LYS A 237 -17.12 6.09 -24.15
N TYR A 238 -15.78 6.05 -24.24
CA TYR A 238 -15.06 4.81 -24.40
C TYR A 238 -15.38 3.88 -23.22
N VAL A 239 -15.31 4.43 -22.03
CA VAL A 239 -15.50 3.61 -20.84
C VAL A 239 -16.96 3.16 -20.70
N ASP A 240 -17.88 4.05 -21.02
CA ASP A 240 -19.31 3.69 -20.95
C ASP A 240 -19.64 2.60 -21.98
N ASP A 241 -19.15 2.78 -23.20
CA ASP A 241 -19.30 1.75 -24.23
C ASP A 241 -18.67 0.42 -23.83
N PHE A 242 -17.52 0.46 -23.17
CA PHE A 242 -16.84 -0.75 -22.70
C PHE A 242 -17.73 -1.55 -21.77
N VAL A 243 -18.32 -0.89 -20.79
CA VAL A 243 -19.18 -1.60 -19.83
C VAL A 243 -20.38 -2.23 -20.54
N LYS A 244 -20.95 -1.51 -21.51
CA LYS A 244 -22.12 -2.02 -22.25
C LYS A 244 -21.75 -3.18 -23.18
N GLU A 245 -20.64 -3.03 -23.89
CA GLU A 245 -20.26 -3.99 -24.91
C GLU A 245 -19.53 -5.21 -24.38
N HIS A 246 -19.08 -5.13 -23.14
CA HIS A 246 -18.39 -6.25 -22.51
C HIS A 246 -19.17 -6.74 -21.31
N LYS A 247 -20.46 -6.40 -21.27
CA LYS A 247 -21.36 -6.82 -20.18
C LYS A 247 -21.26 -8.31 -19.87
N ASN A 248 -21.26 -9.16 -20.89
CA ASN A 248 -21.26 -10.61 -20.66
C ASN A 248 -19.98 -11.08 -20.04
N GLU A 249 -18.86 -10.51 -20.48
CA GLU A 249 -17.55 -10.83 -19.96
C GLU A 249 -17.46 -10.36 -18.51
N ILE A 250 -17.97 -9.17 -18.25
CA ILE A 250 -17.95 -8.62 -16.88
C ILE A 250 -18.82 -9.44 -15.94
N ASP A 251 -20.01 -9.83 -16.39
CA ASP A 251 -20.87 -10.70 -15.60
C ASP A 251 -20.24 -12.07 -15.32
N ALA A 252 -19.53 -12.64 -16.29
CA ALA A 252 -18.80 -13.89 -16.09
C ALA A 252 -17.67 -13.72 -15.05
N LEU A 253 -17.02 -12.56 -15.06
CA LEU A 253 -15.99 -12.28 -14.07
C LEU A 253 -16.62 -12.20 -12.69
N ALA A 254 -17.79 -11.57 -12.57
CA ALA A 254 -18.46 -11.52 -11.28
C ALA A 254 -18.70 -12.93 -10.75
N LYS A 255 -19.13 -13.84 -11.63
CA LYS A 255 -19.39 -15.22 -11.23
C LYS A 255 -18.13 -15.95 -10.78
N LYS A 256 -17.02 -15.74 -11.50
N LYS A 256 -17.03 -15.76 -11.52
CA LYS A 256 -15.74 -16.35 -11.15
CA LYS A 256 -15.71 -16.29 -11.18
C LYS A 256 -15.29 -15.95 -9.75
C LYS A 256 -15.37 -15.97 -9.74
N TRP A 257 -15.63 -14.72 -9.35
CA TRP A 257 -15.26 -14.21 -8.03
C TRP A 257 -16.28 -14.47 -6.93
N GLY A 258 -17.35 -15.20 -7.27
CA GLY A 258 -18.39 -15.56 -6.31
C GLY A 258 -19.48 -14.52 -6.16
N LEU A 259 -19.50 -13.56 -7.08
CA LEU A 259 -20.46 -12.47 -7.02
C LEU A 259 -21.59 -12.76 -8.00
N GLY B 29 15.24 -19.43 -17.95
CA GLY B 29 16.21 -18.44 -17.36
C GLY B 29 15.51 -17.19 -16.86
N LYS B 30 15.96 -16.64 -15.74
CA LYS B 30 15.27 -15.50 -15.12
C LYS B 30 15.33 -14.27 -16.00
N LEU B 31 16.53 -14.00 -16.51
CA LEU B 31 16.72 -12.86 -17.39
C LEU B 31 15.79 -12.97 -18.60
N GLU B 32 15.69 -14.18 -19.16
CA GLU B 32 14.88 -14.44 -20.34
C GLU B 32 13.39 -14.35 -20.03
N SER B 33 13.02 -14.78 -18.82
CA SER B 33 11.63 -14.71 -18.38
C SER B 33 11.15 -13.26 -18.18
N ILE B 34 12.03 -12.40 -17.71
CA ILE B 34 11.67 -10.99 -17.53
C ILE B 34 11.40 -10.37 -18.89
N LYS B 35 12.28 -10.67 -19.84
CA LYS B 35 12.12 -10.16 -21.20
C LYS B 35 10.83 -10.66 -21.85
N SER B 36 10.50 -11.93 -21.62
N SER B 36 10.49 -11.93 -21.61
CA SER B 36 9.28 -12.52 -22.16
CA SER B 36 9.27 -12.51 -22.18
C SER B 36 8.02 -11.88 -21.58
C SER B 36 8.01 -11.91 -21.57
N LYS B 37 8.01 -11.63 -20.26
CA LYS B 37 6.83 -11.02 -19.63
C LYS B 37 6.77 -9.51 -19.88
N GLY B 38 7.91 -8.91 -20.24
CA GLY B 38 7.98 -7.51 -20.65
C GLY B 38 7.90 -6.52 -19.51
N GLN B 39 8.33 -6.95 -18.32
CA GLN B 39 8.23 -6.13 -17.14
C GLN B 39 9.16 -6.66 -16.06
N LEU B 40 9.84 -5.75 -15.39
CA LEU B 40 10.65 -6.08 -14.23
C LEU B 40 9.88 -5.68 -12.98
N ILE B 41 9.73 -6.60 -12.05
CA ILE B 41 9.05 -6.31 -10.80
C ILE B 41 10.09 -6.18 -9.69
N VAL B 42 10.10 -5.04 -9.00
CA VAL B 42 11.09 -4.77 -7.97
C VAL B 42 10.42 -4.42 -6.66
N GLY B 43 10.92 -5.03 -5.59
CA GLY B 43 10.46 -4.72 -4.27
C GLY B 43 11.21 -3.50 -3.75
N VAL B 44 10.48 -2.51 -3.24
CA VAL B 44 11.06 -1.28 -2.73
C VAL B 44 10.36 -0.92 -1.43
N LYS B 45 11.01 -0.11 -0.61
CA LYS B 45 10.33 0.46 0.58
C LYS B 45 9.33 1.51 0.12
N ASN B 46 8.49 1.99 1.04
CA ASN B 46 7.60 3.11 0.70
C ASN B 46 7.65 4.27 1.67
N ASP B 47 8.59 4.18 2.63
CA ASP B 47 8.63 5.09 3.76
C ASP B 47 9.98 5.78 3.97
N VAL B 48 10.91 5.68 3.00
CA VAL B 48 12.29 6.12 3.22
C VAL B 48 12.60 7.37 2.38
N PRO B 49 12.63 8.54 3.02
CA PRO B 49 12.80 9.75 2.25
C PRO B 49 14.11 9.71 1.46
N HIS B 50 14.02 10.14 0.20
CA HIS B 50 15.16 10.21 -0.73
C HIS B 50 15.54 8.87 -1.37
N TYR B 51 15.12 7.77 -0.77
CA TYR B 51 15.37 6.43 -1.31
C TYR B 51 14.13 5.83 -2.00
N ALA B 52 12.99 5.84 -1.30
CA ALA B 52 11.77 5.24 -1.79
C ALA B 52 10.66 5.64 -0.84
N LEU B 53 9.97 6.72 -1.19
CA LEU B 53 8.94 7.30 -0.35
C LEU B 53 7.69 7.55 -1.18
N LEU B 54 6.56 7.09 -0.68
CA LEU B 54 5.30 7.30 -1.36
C LEU B 54 4.96 8.78 -1.35
N ASP B 55 4.76 9.35 -2.55
CA ASP B 55 4.26 10.71 -2.75
C ASP B 55 2.74 10.61 -2.61
N GLN B 56 2.24 11.13 -1.50
CA GLN B 56 0.83 10.99 -1.16
C GLN B 56 -0.08 11.69 -2.19
N ALA B 57 0.42 12.76 -2.79
CA ALA B 57 -0.38 13.49 -3.78
C ALA B 57 -0.68 12.66 -5.02
N THR B 58 0.25 11.78 -5.39
CA THR B 58 0.17 11.09 -6.68
C THR B 58 0.12 9.57 -6.58
N GLY B 59 0.28 9.01 -5.39
CA GLY B 59 0.22 7.58 -5.22
C GLY B 59 1.39 6.81 -5.79
N GLU B 60 2.52 7.50 -6.01
CA GLU B 60 3.72 6.91 -6.61
C GLU B 60 4.88 6.96 -5.64
N ILE B 61 5.62 5.85 -5.55
CA ILE B 61 6.84 5.77 -4.71
C ILE B 61 7.99 6.37 -5.52
N LYS B 62 8.74 7.28 -4.89
CA LYS B 62 9.81 8.03 -5.56
C LYS B 62 11.07 8.03 -4.72
N GLY B 63 12.20 8.00 -5.40
CA GLY B 63 13.50 8.12 -4.73
C GLY B 63 14.63 7.43 -5.46
N PHE B 64 15.80 7.50 -4.86
CA PHE B 64 17.03 6.95 -5.44
C PHE B 64 16.90 5.48 -5.78
N GLU B 65 16.33 4.70 -4.87
CA GLU B 65 16.21 3.26 -5.09
C GLU B 65 15.26 2.94 -6.21
N VAL B 66 14.19 3.73 -6.34
CA VAL B 66 13.26 3.60 -7.47
C VAL B 66 13.96 3.92 -8.78
N ASP B 67 14.78 4.97 -8.79
CA ASP B 67 15.53 5.34 -9.98
C ASP B 67 16.58 4.27 -10.37
N VAL B 68 17.19 3.62 -9.39
CA VAL B 68 18.12 2.51 -9.68
C VAL B 68 17.33 1.33 -10.26
N ALA B 69 16.16 1.04 -9.68
CA ALA B 69 15.26 0.01 -10.21
C ALA B 69 14.88 0.27 -11.68
N LYS B 70 14.56 1.53 -11.98
CA LYS B 70 14.20 1.93 -13.33
C LYS B 70 15.37 1.76 -14.27
N LEU B 71 16.57 2.04 -13.78
CA LEU B 71 17.78 1.85 -14.56
C LEU B 71 18.04 0.37 -14.86
N LEU B 72 17.77 -0.48 -13.89
CA LEU B 72 17.89 -1.93 -14.12
C LEU B 72 16.87 -2.43 -15.14
N ALA B 73 15.63 -1.96 -15.03
CA ALA B 73 14.61 -2.24 -16.04
C ALA B 73 15.07 -1.83 -17.43
N LYS B 74 15.62 -0.62 -17.57
N LYS B 74 15.63 -0.63 -17.52
CA LYS B 74 16.08 -0.17 -18.89
CA LYS B 74 16.16 -0.08 -18.76
C LYS B 74 17.17 -1.11 -19.41
C LYS B 74 17.24 -0.98 -19.33
N SER B 75 18.08 -1.51 -18.52
N SER B 75 18.09 -1.50 -18.45
CA SER B 75 19.20 -2.36 -18.90
CA SER B 75 19.20 -2.37 -18.83
C SER B 75 18.72 -3.71 -19.46
C SER B 75 18.71 -3.68 -19.46
N ILE B 76 17.65 -4.24 -18.88
CA ILE B 76 17.11 -5.54 -19.31
C ILE B 76 16.12 -5.45 -20.48
N LEU B 77 15.20 -4.48 -20.40
CA LEU B 77 14.05 -4.39 -21.30
C LEU B 77 14.17 -3.30 -22.34
N GLY B 78 15.13 -2.41 -22.20
CA GLY B 78 15.26 -1.27 -23.10
C GLY B 78 14.27 -0.15 -22.86
N ASP B 79 13.57 -0.15 -21.73
CA ASP B 79 12.55 0.87 -21.46
C ASP B 79 12.35 0.93 -19.95
N ASP B 80 12.61 2.09 -19.37
CA ASP B 80 12.53 2.24 -17.91
C ASP B 80 11.09 2.35 -17.40
N LYS B 81 10.12 2.46 -18.32
CA LYS B 81 8.70 2.43 -17.97
C LYS B 81 8.21 1.00 -17.71
N LYS B 82 9.00 -0.01 -18.09
CA LYS B 82 8.59 -1.41 -18.01
C LYS B 82 8.97 -1.99 -16.67
N ILE B 83 8.42 -1.35 -15.63
N ILE B 83 8.42 -1.37 -15.63
CA ILE B 83 8.69 -1.66 -14.25
CA ILE B 83 8.74 -1.72 -14.25
C ILE B 83 7.39 -1.74 -13.49
C ILE B 83 7.50 -1.63 -13.39
N LYS B 84 7.39 -2.56 -12.43
CA LYS B 84 6.31 -2.54 -11.46
C LYS B 84 6.99 -2.51 -10.10
N LEU B 85 6.60 -1.57 -9.27
CA LEU B 85 7.09 -1.49 -7.90
C LEU B 85 6.13 -2.15 -6.93
N VAL B 86 6.68 -2.93 -6.02
CA VAL B 86 5.91 -3.57 -4.97
C VAL B 86 6.50 -3.15 -3.63
N ALA B 87 5.67 -2.58 -2.76
CA ALA B 87 6.14 -2.16 -1.43
C ALA B 87 6.42 -3.37 -0.54
N VAL B 88 7.64 -3.38 0.00
CA VAL B 88 8.10 -4.44 0.88
C VAL B 88 8.70 -3.82 2.14
N ASN B 89 8.83 -4.63 3.18
CA ASN B 89 9.56 -4.23 4.37
C ASN B 89 10.55 -5.31 4.76
N ALA B 90 11.21 -5.16 5.92
CA ALA B 90 12.27 -6.08 6.27
C ALA B 90 11.72 -7.50 6.39
N LYS B 91 10.48 -7.62 6.87
CA LYS B 91 9.85 -8.92 7.08
C LYS B 91 9.36 -9.55 5.78
N THR B 92 8.78 -8.75 4.90
CA THR B 92 8.15 -9.29 3.70
C THR B 92 9.05 -9.41 2.47
N ARG B 93 10.16 -8.68 2.41
CA ARG B 93 10.91 -8.65 1.16
C ARG B 93 11.50 -10.01 0.79
N GLY B 94 11.97 -10.78 1.75
CA GLY B 94 12.59 -12.05 1.44
C GLY B 94 11.57 -13.04 0.89
N PRO B 95 10.48 -13.27 1.64
CA PRO B 95 9.46 -14.16 1.13
C PRO B 95 8.91 -13.76 -0.23
N LEU B 96 8.75 -12.46 -0.49
CA LEU B 96 8.23 -12.04 -1.79
C LEU B 96 9.23 -12.29 -2.90
N LEU B 97 10.50 -12.17 -2.58
CA LEU B 97 11.55 -12.51 -3.52
C LEU B 97 11.57 -14.02 -3.78
N ASP B 98 11.49 -14.80 -2.71
CA ASP B 98 11.59 -16.25 -2.82
C ASP B 98 10.40 -16.91 -3.47
N ASN B 99 9.22 -16.30 -3.37
CA ASN B 99 8.06 -16.88 -4.07
C ASN B 99 7.85 -16.32 -5.47
N GLY B 100 8.75 -15.43 -5.91
CA GLY B 100 8.72 -14.92 -7.27
C GLY B 100 7.80 -13.75 -7.50
N SER B 101 7.25 -13.19 -6.42
CA SER B 101 6.35 -12.04 -6.53
C SER B 101 7.09 -10.78 -6.95
N VAL B 102 8.37 -10.71 -6.61
CA VAL B 102 9.26 -9.70 -7.17
C VAL B 102 10.48 -10.39 -7.76
N ASP B 103 11.10 -9.75 -8.74
CA ASP B 103 12.28 -10.28 -9.42
C ASP B 103 13.59 -9.88 -8.71
N ALA B 104 13.56 -8.74 -8.03
CA ALA B 104 14.72 -8.22 -7.32
C ALA B 104 14.21 -7.32 -6.24
N VAL B 105 15.03 -7.10 -5.22
CA VAL B 105 14.70 -6.18 -4.14
C VAL B 105 15.77 -5.11 -4.06
N ILE B 106 15.32 -3.86 -4.07
CA ILE B 106 16.21 -2.71 -3.89
C ILE B 106 15.51 -1.93 -2.79
N ALA B 107 15.84 -2.28 -1.55
CA ALA B 107 15.04 -1.84 -0.42
C ALA B 107 15.88 -1.85 0.85
N THR B 108 16.89 -0.98 0.86
CA THR B 108 17.82 -0.84 1.99
C THR B 108 18.22 -2.19 2.59
N PHE B 109 18.56 -3.13 1.73
CA PHE B 109 18.73 -4.51 2.14
C PHE B 109 20.20 -4.72 2.51
N THR B 110 20.49 -4.71 3.80
CA THR B 110 21.86 -4.77 4.29
C THR B 110 22.53 -6.10 3.97
N ILE B 111 23.72 -6.02 3.38
CA ILE B 111 24.53 -7.19 3.08
C ILE B 111 25.16 -7.70 4.35
N THR B 112 24.95 -8.98 4.64
CA THR B 112 25.62 -9.67 5.74
C THR B 112 26.04 -11.08 5.30
N PRO B 113 27.10 -11.63 5.90
CA PRO B 113 27.50 -12.99 5.58
C PRO B 113 26.39 -14.03 5.73
N GLU B 114 25.57 -13.92 6.77
N GLU B 114 25.64 -13.94 6.82
CA GLU B 114 24.51 -14.89 6.99
CA GLU B 114 24.46 -14.77 7.09
C GLU B 114 23.39 -14.72 5.94
C GLU B 114 23.48 -14.70 5.91
N ARG B 115 23.13 -13.48 5.52
CA ARG B 115 22.14 -13.26 4.48
C ARG B 115 22.61 -13.73 3.11
N LYS B 116 23.90 -13.64 2.84
CA LYS B 116 24.46 -14.14 1.58
C LYS B 116 24.25 -15.64 1.39
N ARG B 117 24.03 -16.38 2.48
N ARG B 117 24.02 -16.38 2.48
CA ARG B 117 23.74 -17.80 2.39
CA ARG B 117 23.76 -17.81 2.36
C ARG B 117 22.36 -18.09 1.83
C ARG B 117 22.35 -18.10 1.87
N ILE B 118 21.46 -17.12 1.94
CA ILE B 118 20.06 -17.33 1.57
C ILE B 118 19.55 -16.41 0.47
N TYR B 119 20.30 -15.37 0.13
CA TYR B 119 19.99 -14.52 -1.03
C TYR B 119 21.29 -14.18 -1.74
N ASN B 120 21.18 -13.78 -3.00
CA ASN B 120 22.33 -13.18 -3.69
C ASN B 120 22.27 -11.66 -3.59
N PHE B 121 23.42 -11.03 -3.30
CA PHE B 121 23.54 -9.58 -3.18
C PHE B 121 24.53 -9.07 -4.18
N SER B 122 24.18 -8.00 -4.89
CA SER B 122 25.14 -7.31 -5.76
C SER B 122 26.19 -6.61 -4.92
N GLU B 123 27.21 -6.10 -5.58
CA GLU B 123 28.10 -5.17 -4.91
C GLU B 123 27.27 -3.99 -4.40
N PRO B 124 27.72 -3.37 -3.30
CA PRO B 124 26.87 -2.32 -2.73
C PRO B 124 26.68 -1.13 -3.65
N TYR B 125 25.48 -0.55 -3.59
CA TYR B 125 25.17 0.68 -4.33
C TYR B 125 25.12 1.90 -3.41
N TYR B 126 24.93 1.69 -2.11
CA TYR B 126 24.97 2.79 -1.15
C TYR B 126 25.13 2.22 0.24
N GLN B 127 25.26 3.11 1.22
CA GLN B 127 25.39 2.68 2.61
C GLN B 127 24.87 3.73 3.57
N ASP B 128 24.55 3.28 4.78
CA ASP B 128 24.06 4.18 5.82
C ASP B 128 24.56 3.59 7.15
N ALA B 129 23.93 3.97 8.24
CA ALA B 129 24.34 3.48 9.56
C ALA B 129 23.13 3.48 10.46
N ILE B 130 23.20 2.64 11.48
CA ILE B 130 22.13 2.51 12.45
C ILE B 130 22.11 3.68 13.42
N GLY B 131 20.91 4.13 13.76
CA GLY B 131 20.69 5.18 14.75
C GLY B 131 19.57 4.87 15.72
N LEU B 132 19.29 5.83 16.58
CA LEU B 132 18.27 5.73 17.60
C LEU B 132 17.36 6.94 17.53
N LEU B 133 16.05 6.69 17.45
N LEU B 133 16.05 6.69 17.49
CA LEU B 133 15.03 7.73 17.49
CA LEU B 133 15.01 7.72 17.48
C LEU B 133 14.37 7.65 18.87
C LEU B 133 14.28 7.67 18.82
N VAL B 134 14.26 8.79 19.53
CA VAL B 134 13.73 8.85 20.88
C VAL B 134 12.82 10.08 21.05
N LEU B 135 11.96 10.07 22.04
CA LEU B 135 11.17 11.25 22.34
C LEU B 135 12.07 12.30 22.98
N LYS B 136 11.87 13.56 22.58
CA LYS B 136 12.68 14.66 23.09
C LYS B 136 12.54 14.79 24.59
N GLU B 137 11.37 14.46 25.12
CA GLU B 137 11.12 14.64 26.54
C GLU B 137 12.00 13.76 27.43
N LYS B 138 12.54 12.68 26.90
CA LYS B 138 13.41 11.76 27.64
C LYS B 138 14.78 12.35 27.92
N LYS B 139 15.21 13.31 27.11
CA LYS B 139 16.53 13.97 27.28
C LYS B 139 17.71 12.99 27.15
N TYR B 140 17.53 11.94 26.36
CA TYR B 140 18.61 11.02 26.02
C TYR B 140 19.53 11.68 25.04
N LYS B 141 20.84 11.52 25.24
CA LYS B 141 21.81 12.15 24.34
C LYS B 141 22.80 11.19 23.71
N SER B 142 22.94 9.99 24.29
CA SER B 142 23.87 8.99 23.79
C SER B 142 23.37 7.63 24.22
N LEU B 143 23.99 6.58 23.68
CA LEU B 143 23.59 5.24 24.04
C LEU B 143 23.79 4.97 25.54
N ALA B 144 24.81 5.58 26.14
CA ALA B 144 25.04 5.39 27.58
C ALA B 144 23.83 5.82 28.41
N ASP B 145 23.12 6.84 27.96
CA ASP B 145 21.92 7.31 28.66
C ASP B 145 20.78 6.33 28.62
N MET B 146 20.90 5.32 27.78
CA MET B 146 19.80 4.37 27.56
C MET B 146 19.98 3.07 28.32
N LYS B 147 20.84 3.09 29.32
CA LYS B 147 20.92 1.96 30.22
C LYS B 147 19.49 1.63 30.70
N GLY B 148 19.08 0.38 30.54
CA GLY B 148 17.74 -0.08 30.96
C GLY B 148 16.64 0.10 29.93
N ALA B 149 16.97 0.73 28.81
CA ALA B 149 15.97 1.03 27.78
C ALA B 149 15.38 -0.20 27.11
N ASN B 150 14.11 -0.07 26.76
CA ASN B 150 13.40 -1.03 25.94
C ASN B 150 13.43 -0.46 24.53
N ILE B 151 14.20 -1.10 23.63
CA ILE B 151 14.45 -0.58 22.30
C ILE B 151 13.62 -1.34 21.29
N GLY B 152 12.83 -0.62 20.51
CA GLY B 152 11.96 -1.21 19.50
C GLY B 152 12.74 -1.42 18.21
N VAL B 153 12.65 -2.61 17.65
CA VAL B 153 13.34 -2.96 16.41
C VAL B 153 12.38 -3.76 15.54
N ALA B 154 12.67 -3.83 14.24
CA ALA B 154 11.87 -4.61 13.32
C ALA B 154 12.28 -6.08 13.27
N GLN B 155 11.27 -6.93 13.19
CA GLN B 155 11.44 -8.32 12.84
C GLN B 155 12.19 -8.39 11.52
N ALA B 156 13.17 -9.25 11.51
CA ALA B 156 13.97 -9.56 10.34
C ALA B 156 15.02 -8.51 10.03
N ALA B 157 15.16 -7.46 10.83
CA ALA B 157 16.18 -6.44 10.55
C ALA B 157 17.49 -6.78 11.26
N THR B 158 18.57 -6.15 10.79
CA THR B 158 19.91 -6.37 11.35
C THR B 158 20.13 -5.65 12.69
N THR B 159 19.13 -4.91 13.15
CA THR B 159 19.33 -3.90 14.18
C THR B 159 19.59 -4.47 15.55
N LYS B 160 18.84 -5.48 15.95
CA LYS B 160 18.96 -6.03 17.30
C LYS B 160 20.39 -6.50 17.54
N LYS B 161 20.95 -7.24 16.58
CA LYS B 161 22.31 -7.73 16.73
C LYS B 161 23.30 -6.59 16.89
N ALA B 162 23.15 -5.56 16.08
CA ALA B 162 24.10 -4.47 16.06
C ALA B 162 24.02 -3.61 17.30
N ILE B 163 22.80 -3.28 17.73
CA ILE B 163 22.63 -2.48 18.98
C ILE B 163 23.00 -3.28 20.21
N GLY B 164 22.71 -4.58 20.20
CA GLY B 164 23.14 -5.44 21.29
C GLY B 164 24.65 -5.35 21.50
N GLU B 165 25.40 -5.42 20.41
CA GLU B 165 26.86 -5.36 20.50
C GLU B 165 27.33 -3.96 20.93
N ALA B 166 26.70 -2.91 20.41
CA ALA B 166 27.08 -1.55 20.83
C ALA B 166 26.87 -1.38 22.34
N ALA B 167 25.73 -1.87 22.82
CA ALA B 167 25.42 -1.84 24.24
C ALA B 167 26.43 -2.63 25.09
N LYS B 168 26.80 -3.81 24.61
CA LYS B 168 27.75 -4.67 25.33
C LYS B 168 29.11 -3.98 25.47
N LYS B 169 29.51 -3.23 24.44
CA LYS B 169 30.81 -2.56 24.44
C LYS B 169 30.87 -1.38 25.39
N ILE B 170 29.72 -0.88 25.83
CA ILE B 170 29.71 0.16 26.86
C ILE B 170 29.14 -0.30 28.20
N GLY B 171 28.82 -1.58 28.30
CA GLY B 171 28.46 -2.18 29.58
C GLY B 171 27.07 -1.87 30.07
N ILE B 172 26.14 -1.57 29.16
CA ILE B 172 24.77 -1.27 29.58
C ILE B 172 23.83 -2.42 29.29
N ASP B 173 22.80 -2.55 30.15
CA ASP B 173 21.70 -3.46 29.94
C ASP B 173 20.64 -2.79 29.08
N VAL B 174 20.17 -3.48 28.05
CA VAL B 174 19.00 -3.06 27.30
C VAL B 174 18.12 -4.25 26.98
N LYS B 175 16.85 -3.97 26.70
CA LYS B 175 15.92 -4.99 26.23
C LYS B 175 15.43 -4.61 24.86
N PHE B 176 14.98 -5.59 24.11
CA PHE B 176 14.43 -5.35 22.80
C PHE B 176 12.98 -5.79 22.71
N SER B 177 12.22 -5.04 21.92
CA SER B 177 10.85 -5.39 21.59
C SER B 177 10.80 -5.43 20.08
N GLU B 178 10.36 -6.55 19.51
CA GLU B 178 10.37 -6.71 18.06
C GLU B 178 8.98 -6.49 17.48
N PHE B 179 8.94 -5.86 16.32
CA PHE B 179 7.69 -5.46 15.68
C PHE B 179 7.70 -5.88 14.23
N PRO B 180 6.51 -6.09 13.66
CA PRO B 180 6.43 -6.55 12.27
C PRO B 180 6.67 -5.49 11.22
N ASP B 181 6.63 -4.22 11.59
CA ASP B 181 6.73 -3.12 10.64
C ASP B 181 7.10 -1.84 11.35
N TYR B 182 7.57 -0.84 10.61
CA TYR B 182 8.09 0.37 11.25
C TYR B 182 7.02 1.31 11.80
N PRO B 183 5.88 1.48 11.11
CA PRO B 183 4.84 2.28 11.73
C PRO B 183 4.43 1.82 13.14
N SER B 184 4.43 0.52 13.38
N SER B 184 4.43 0.51 13.35
CA SER B 184 4.08 0.00 14.71
CA SER B 184 4.12 -0.06 14.67
C SER B 184 5.14 0.33 15.76
C SER B 184 5.12 0.38 15.74
N ILE B 185 6.39 0.49 15.37
CA ILE B 185 7.42 0.90 16.34
C ILE B 185 7.27 2.39 16.68
N LYS B 186 6.98 3.21 15.67
CA LYS B 186 6.78 4.64 15.92
C LYS B 186 5.57 4.85 16.81
N ALA B 187 4.51 4.08 16.60
CA ALA B 187 3.32 4.18 17.41
C ALA B 187 3.64 3.77 18.85
N ALA B 188 4.49 2.75 18.99
CA ALA B 188 4.93 2.28 20.31
C ALA B 188 5.78 3.33 21.04
N LEU B 189 6.63 4.02 20.28
CA LEU B 189 7.44 5.09 20.84
C LEU B 189 6.56 6.24 21.33
N ASP B 190 5.62 6.66 20.52
CA ASP B 190 4.72 7.77 20.90
C ASP B 190 3.90 7.41 22.13
N ALA B 191 3.53 6.14 22.23
CA ALA B 191 2.72 5.65 23.34
C ALA B 191 3.55 5.30 24.58
N LYS B 192 4.87 5.44 24.48
CA LYS B 192 5.82 5.15 25.55
C LYS B 192 5.83 3.67 25.95
N ARG B 193 5.56 2.80 24.97
CA ARG B 193 5.68 1.35 25.14
C ARG B 193 7.09 0.86 24.83
N VAL B 194 7.84 1.67 24.10
CA VAL B 194 9.30 1.52 23.98
C VAL B 194 9.95 2.87 24.24
N ASP B 195 11.22 2.82 24.63
CA ASP B 195 12.01 4.01 24.94
C ASP B 195 12.78 4.53 23.73
N ALA B 196 12.95 3.70 22.71
CA ALA B 196 13.62 4.12 21.48
C ALA B 196 13.17 3.24 20.36
N PHE B 197 13.31 3.78 19.16
CA PHE B 197 13.07 3.06 17.90
C PHE B 197 14.43 3.08 17.21
N SER B 198 15.03 1.90 17.02
CA SER B 198 16.34 1.83 16.36
C SER B 198 16.21 1.15 15.02
N VAL B 199 16.88 1.76 14.06
CA VAL B 199 17.07 1.21 12.72
C VAL B 199 18.00 2.17 11.96
N ASP B 200 18.33 1.84 10.71
CA ASP B 200 19.16 2.69 9.87
C ASP B 200 18.65 4.14 9.93
N LYS B 201 19.55 5.12 9.98
CA LYS B 201 19.11 6.51 10.05
C LYS B 201 18.31 6.91 8.82
N SER B 202 18.64 6.32 7.67
CA SER B 202 17.88 6.59 6.43
C SER B 202 16.38 6.36 6.65
N ILE B 203 16.08 5.26 7.34
CA ILE B 203 14.69 4.93 7.64
C ILE B 203 14.10 5.79 8.77
N LEU B 204 14.90 6.03 9.80
CA LEU B 204 14.43 6.87 10.90
C LEU B 204 14.02 8.26 10.44
N LEU B 205 14.67 8.75 9.40
CA LEU B 205 14.30 10.06 8.81
C LEU B 205 12.87 10.08 8.30
N GLY B 206 12.32 8.90 8.02
CA GLY B 206 10.94 8.79 7.59
C GLY B 206 9.92 8.77 8.74
N TYR B 207 10.41 8.75 9.97
CA TYR B 207 9.54 8.67 11.15
C TYR B 207 9.77 9.78 12.18
N VAL B 208 10.92 10.45 12.14
CA VAL B 208 11.19 11.54 13.07
C VAL B 208 10.13 12.64 12.91
N ASP B 209 9.75 13.25 14.01
CA ASP B 209 8.79 14.35 14.00
C ASP B 209 9.15 15.37 15.08
N ASP B 210 8.25 16.34 15.29
CA ASP B 210 8.55 17.43 16.21
C ASP B 210 8.75 17.01 17.66
N LYS B 211 8.18 15.88 18.06
CA LYS B 211 8.28 15.41 19.44
C LYS B 211 9.42 14.43 19.63
N SER B 212 10.11 14.08 18.55
CA SER B 212 11.19 13.10 18.62
C SER B 212 12.48 13.61 17.99
N GLU B 213 13.55 12.87 18.17
CA GLU B 213 14.85 13.24 17.63
C GLU B 213 15.74 12.03 17.45
N ILE B 214 16.64 12.12 16.48
CA ILE B 214 17.60 11.07 16.18
C ILE B 214 18.88 11.43 16.93
N LEU B 215 19.39 10.50 17.72
CA LEU B 215 20.60 10.77 18.50
C LEU B 215 21.77 10.97 17.55
N PRO B 216 22.76 11.78 17.95
CA PRO B 216 23.85 12.13 17.04
C PRO B 216 24.71 10.97 16.62
N ASP B 217 24.88 9.99 17.49
CA ASP B 217 25.87 8.96 17.24
C ASP B 217 25.33 7.90 16.27
N SER B 218 26.26 7.26 15.57
CA SER B 218 25.94 6.25 14.57
C SER B 218 26.56 4.93 14.97
N PHE B 219 25.90 3.85 14.59
CA PHE B 219 26.38 2.53 14.93
C PHE B 219 26.64 1.79 13.63
N GLU B 220 26.66 0.48 13.68
CA GLU B 220 27.09 -0.37 12.60
C GLU B 220 26.72 0.17 11.20
N PRO B 221 27.72 0.50 10.38
CA PRO B 221 27.40 0.83 9.00
C PRO B 221 26.64 -0.27 8.27
N GLN B 222 25.71 0.14 7.43
CA GLN B 222 24.84 -0.77 6.69
C GLN B 222 25.12 -0.59 5.19
N SER B 223 25.65 -1.62 4.55
N SER B 223 25.60 -1.65 4.55
CA SER B 223 25.91 -1.58 3.11
CA SER B 223 25.92 -1.62 3.14
C SER B 223 24.78 -2.25 2.39
C SER B 223 24.80 -2.28 2.37
N TYR B 224 24.22 -1.57 1.40
CA TYR B 224 23.00 -2.02 0.73
C TYR B 224 23.31 -2.59 -0.64
N GLY B 225 22.71 -3.74 -0.95
CA GLY B 225 22.90 -4.37 -2.27
C GLY B 225 21.57 -4.69 -2.93
N ILE B 226 21.59 -4.87 -4.25
CA ILE B 226 20.42 -5.34 -4.95
C ILE B 226 20.33 -6.84 -4.72
N VAL B 227 19.16 -7.32 -4.32
CA VAL B 227 19.01 -8.69 -3.89
C VAL B 227 18.15 -9.52 -4.86
N THR B 228 18.65 -10.71 -5.16
CA THR B 228 17.96 -11.65 -6.04
C THR B 228 17.95 -13.04 -5.41
N LYS B 229 17.11 -13.91 -5.92
CA LYS B 229 16.90 -15.23 -5.35
C LYS B 229 18.18 -16.05 -5.44
N LYS B 230 18.49 -16.77 -4.37
CA LYS B 230 19.77 -17.47 -4.25
C LYS B 230 19.98 -18.54 -5.31
N ASP B 231 18.90 -19.14 -5.80
CA ASP B 231 18.99 -20.28 -6.72
C ASP B 231 19.16 -19.90 -8.21
N ASP B 232 19.39 -18.62 -8.51
CA ASP B 232 19.63 -18.19 -9.89
C ASP B 232 20.94 -17.41 -10.00
N PRO B 233 22.08 -18.15 -10.04
CA PRO B 233 23.39 -17.52 -10.13
C PRO B 233 23.59 -16.67 -11.39
N ALA B 234 22.94 -17.05 -12.50
CA ALA B 234 23.09 -16.31 -13.75
C ALA B 234 22.50 -14.92 -13.63
N PHE B 235 21.30 -14.81 -13.07
CA PHE B 235 20.70 -13.50 -12.87
C PHE B 235 21.48 -12.67 -11.84
N ALA B 236 21.98 -13.33 -10.80
CA ALA B 236 22.81 -12.65 -9.82
C ALA B 236 24.06 -12.06 -10.48
N LYS B 237 24.64 -12.80 -11.42
CA LYS B 237 25.83 -12.32 -12.12
C LYS B 237 25.47 -11.12 -12.99
N TYR B 238 24.31 -11.18 -13.66
CA TYR B 238 23.86 -10.05 -14.46
C TYR B 238 23.70 -8.79 -13.61
N VAL B 239 23.06 -8.94 -12.44
CA VAL B 239 22.79 -7.79 -11.58
C VAL B 239 24.09 -7.22 -10.98
N ASP B 240 25.01 -8.09 -10.59
CA ASP B 240 26.31 -7.63 -10.09
C ASP B 240 27.06 -6.86 -11.18
N ASP B 241 27.09 -7.43 -12.39
CA ASP B 241 27.69 -6.74 -13.55
C ASP B 241 27.00 -5.38 -13.80
N PHE B 242 25.67 -5.36 -13.71
CA PHE B 242 24.91 -4.12 -13.89
C PHE B 242 25.37 -3.03 -12.95
N VAL B 243 25.51 -3.36 -11.67
CA VAL B 243 25.92 -2.39 -10.68
C VAL B 243 27.33 -1.85 -10.98
N LYS B 244 28.25 -2.76 -11.30
CA LYS B 244 29.62 -2.35 -11.62
C LYS B 244 29.68 -1.49 -12.88
N GLU B 245 28.90 -1.83 -13.89
CA GLU B 245 28.92 -1.10 -15.17
C GLU B 245 28.13 0.20 -15.14
N HIS B 246 27.38 0.42 -14.07
CA HIS B 246 26.58 1.64 -13.92
C HIS B 246 26.98 2.43 -12.68
N LYS B 247 28.19 2.20 -12.15
CA LYS B 247 28.60 2.86 -10.90
C LYS B 247 28.51 4.37 -11.01
N ASN B 248 28.95 4.93 -12.12
CA ASN B 248 28.89 6.38 -12.28
C ASN B 248 27.45 6.89 -12.41
N GLU B 249 26.60 6.13 -13.11
CA GLU B 249 25.20 6.50 -13.28
C GLU B 249 24.46 6.43 -11.94
N ILE B 250 24.77 5.38 -11.19
CA ILE B 250 24.16 5.21 -9.87
C ILE B 250 24.63 6.31 -8.92
N ASP B 251 25.91 6.65 -8.98
CA ASP B 251 26.43 7.73 -8.14
C ASP B 251 25.78 9.08 -8.49
N ALA B 252 25.51 9.31 -9.78
CA ALA B 252 24.80 10.51 -10.22
C ALA B 252 23.36 10.55 -9.72
N LEU B 253 22.71 9.38 -9.66
CA LEU B 253 21.37 9.30 -9.12
C LEU B 253 21.37 9.60 -7.62
N ALA B 254 22.36 9.11 -6.91
CA ALA B 254 22.45 9.41 -5.48
C ALA B 254 22.56 10.93 -5.28
N LYS B 255 23.38 11.59 -6.09
CA LYS B 255 23.52 13.04 -6.00
C LYS B 255 22.19 13.78 -6.27
N LYS B 256 21.47 13.34 -7.29
N LYS B 256 21.48 13.36 -7.30
CA LYS B 256 20.15 13.90 -7.62
CA LYS B 256 20.14 13.89 -7.61
C LYS B 256 19.18 13.87 -6.43
C LYS B 256 19.26 13.93 -6.38
N TRP B 257 19.29 12.83 -5.61
CA TRP B 257 18.41 12.66 -4.46
C TRP B 257 18.98 13.18 -3.14
N GLY B 258 20.13 13.83 -3.21
CA GLY B 258 20.74 14.47 -2.04
C GLY B 258 21.52 13.48 -1.19
N LEU B 259 21.85 12.34 -1.78
CA LEU B 259 22.62 11.31 -1.10
C LEU B 259 24.06 11.36 -1.60
#